data_2AI1
#
_entry.id   2AI1
#
_cell.length_a   93.952
_cell.length_b   93.952
_cell.length_c   93.952
_cell.angle_alpha   90.00
_cell.angle_beta   90.00
_cell.angle_gamma   90.00
#
_symmetry.space_group_name_H-M   'P 21 3'
#
loop_
_entity.id
_entity.type
_entity.pdbx_description
1 polymer 'Purine nucleoside phosphorylase'
2 non-polymer 'MAGNESIUM ION'
3 non-polymer 'ZINC ION'
4 non-polymer TRIS-HYDROXYMETHYL-METHYL-AMMONIUM
5 non-polymer '((2R,4R,6R,6AS)-4-(2-AMINO-6-OXO-1,6-DIHYDROPURIN-9-YL)-6-(HYDROXYMETHYL)-TETRAHYDROFURO[3,4-D][1,3]DIOXOL-2-YL)METHYLPHOSPHONIC ACID'
6 water water
#
_entity_poly.entity_id   1
_entity_poly.type   'polypeptide(L)'
_entity_poly.pdbx_seq_one_letter_code
;MQNGYTYEDYQDTAKWLLSHTEQRPQVAVICGSGLGGLVNKLTQAQTFDYSEIPNFPESTVPGHAGRLVFGILNGRACVM
MQGRFHMYEGYPFWKVTFPVRVFRLLGVETLVVTNAAGGLNPNFEVGDIMLIRDHINLPGFSGENPLRGPNEERFGVRFP
AMSDAYDRDMRQKAHSTWKQMGEQRELQEGTYVMLGGPNFETVAECRLLRNLGADAVGMSTVPEVIVARHCGLRVFGFSL
ITNKVIMDYESQGKANHEEVLEAGKQAAQKLEQFVSLLMASIPVSGHTG
;
_entity_poly.pdbx_strand_id   A
#
loop_
_chem_comp.id
_chem_comp.type
_chem_comp.name
_chem_comp.formula
144 non-polymer TRIS-HYDROXYMETHYL-METHYL-AMMONIUM 'C4 H12 N O3 1'
MG non-polymer 'MAGNESIUM ION' 'Mg 2'
P1G non-polymer '((2R,4R,6R,6AS)-4-(2-AMINO-6-OXO-1,6-DIHYDROPURIN-9-YL)-6-(HYDROXYMETHYL)-TETRAHYDROFURO[3,4-D][1,3]DIOXOL-2-YL)METHYLPHOSPHONIC ACID' 'C12 H16 N5 O8 P'
ZN non-polymer 'ZINC ION' 'Zn 2'
#
# COMPACT_ATOMS: atom_id res chain seq x y z
N ASN A 3 0.44 3.07 -21.05
CA ASN A 3 -0.68 3.71 -20.30
C ASN A 3 -1.90 3.86 -21.21
N GLY A 4 -3.00 3.19 -20.85
CA GLY A 4 -4.21 3.24 -21.65
C GLY A 4 -5.27 4.25 -21.23
N TYR A 5 -4.95 5.11 -20.27
CA TYR A 5 -5.90 6.13 -19.79
C TYR A 5 -5.44 7.51 -20.24
N THR A 6 -6.36 8.32 -20.77
CA THR A 6 -5.99 9.68 -21.17
C THR A 6 -6.14 10.56 -19.93
N TYR A 7 -5.63 11.78 -20.01
CA TYR A 7 -5.75 12.69 -18.87
C TYR A 7 -7.22 12.96 -18.59
N GLU A 8 -8.01 13.10 -19.65
CA GLU A 8 -9.45 13.35 -19.53
C GLU A 8 -10.16 12.23 -18.78
N ASP A 9 -9.72 10.99 -18.98
CA ASP A 9 -10.33 9.86 -18.29
C ASP A 9 -10.22 10.09 -16.78
N TYR A 10 -9.03 10.46 -16.33
CA TYR A 10 -8.78 10.73 -14.93
C TYR A 10 -9.70 11.86 -14.43
N GLN A 11 -9.81 12.93 -15.20
CA GLN A 11 -10.67 14.07 -14.85
C GLN A 11 -12.14 13.66 -14.73
N ASP A 12 -12.64 12.94 -15.74
CA ASP A 12 -14.04 12.50 -15.74
C ASP A 12 -14.36 11.71 -14.48
N THR A 13 -13.50 10.76 -14.12
CA THR A 13 -13.72 9.95 -12.94
C THR A 13 -13.72 10.76 -11.64
N ALA A 14 -12.80 11.73 -11.53
CA ALA A 14 -12.74 12.55 -10.32
C ALA A 14 -13.98 13.45 -10.25
N LYS A 15 -14.38 14.01 -11.38
CA LYS A 15 -15.56 14.86 -11.44
C LYS A 15 -16.80 14.09 -10.98
N TRP A 16 -16.88 12.82 -11.38
CA TRP A 16 -18.02 11.97 -11.02
C TRP A 16 -18.09 11.77 -9.52
N LEU A 17 -16.95 11.52 -8.91
CA LEU A 17 -16.90 11.28 -7.47
C LEU A 17 -17.24 12.56 -6.71
N LEU A 18 -16.72 13.70 -7.17
CA LEU A 18 -16.98 14.96 -6.49
C LEU A 18 -18.46 15.36 -6.51
N SER A 19 -19.19 14.90 -7.54
CA SER A 19 -20.61 15.23 -7.63
C SER A 19 -21.51 14.21 -6.92
N HIS A 20 -20.94 13.10 -6.47
CA HIS A 20 -21.74 12.09 -5.77
C HIS A 20 -21.56 11.97 -4.27
N THR A 21 -20.66 12.78 -3.71
CA THR A 21 -20.43 12.79 -2.27
C THR A 21 -19.98 14.19 -1.84
N GLU A 22 -20.32 14.59 -0.61
CA GLU A 22 -19.92 15.91 -0.13
C GLU A 22 -18.52 15.83 0.48
N GLN A 23 -18.06 14.61 0.73
CA GLN A 23 -16.75 14.38 1.33
C GLN A 23 -15.61 14.92 0.46
N ARG A 24 -14.58 15.50 1.11
CA ARG A 24 -13.41 16.04 0.42
C ARG A 24 -12.19 15.53 1.17
N PRO A 25 -11.71 14.32 0.84
CA PRO A 25 -10.57 13.72 1.50
C PRO A 25 -9.23 14.44 1.32
N GLN A 26 -8.42 14.38 2.37
CA GLN A 26 -7.09 14.97 2.37
C GLN A 26 -6.09 13.83 2.45
N VAL A 27 -6.59 12.67 2.91
CA VAL A 27 -5.77 11.47 3.08
C VAL A 27 -6.40 10.26 2.39
N ALA A 28 -5.57 9.45 1.74
CA ALA A 28 -6.04 8.23 1.08
C ALA A 28 -5.30 7.03 1.64
N VAL A 29 -6.01 5.93 1.83
CA VAL A 29 -5.42 4.72 2.37
C VAL A 29 -5.75 3.50 1.52
N ILE A 30 -4.73 2.74 1.14
CA ILE A 30 -4.93 1.53 0.35
C ILE A 30 -4.77 0.35 1.28
N CYS A 31 -5.87 -0.39 1.51
CA CYS A 31 -5.85 -1.52 2.42
C CYS A 31 -5.42 -2.83 1.76
N GLY A 32 -4.37 -3.44 2.31
CA GLY A 32 -3.88 -4.70 1.79
C GLY A 32 -4.77 -5.86 2.19
N SER A 33 -4.35 -7.08 1.85
CA SER A 33 -5.15 -8.27 2.17
C SER A 33 -5.31 -8.49 3.67
N GLY A 34 -6.56 -8.64 4.10
CA GLY A 34 -6.86 -8.88 5.51
C GLY A 34 -6.92 -7.62 6.36
N LEU A 35 -6.62 -6.47 5.77
CA LEU A 35 -6.64 -5.21 6.51
C LEU A 35 -7.86 -4.38 6.14
N GLY A 36 -8.78 -4.99 5.40
CA GLY A 36 -9.99 -4.29 4.97
C GLY A 36 -10.94 -3.81 6.06
N GLY A 37 -10.83 -4.35 7.26
CA GLY A 37 -11.73 -3.93 8.33
C GLY A 37 -11.54 -2.50 8.79
N LEU A 38 -10.47 -1.87 8.34
CA LEU A 38 -10.15 -0.50 8.71
C LEU A 38 -11.27 0.48 8.36
N VAL A 39 -11.97 0.22 7.25
CA VAL A 39 -13.04 1.11 6.81
C VAL A 39 -14.21 1.18 7.79
N ASN A 40 -14.31 0.20 8.69
CA ASN A 40 -15.41 0.14 9.64
C ASN A 40 -15.35 1.17 10.78
N LYS A 41 -14.28 1.98 10.81
CA LYS A 41 -14.14 3.00 11.85
C LYS A 41 -14.47 4.39 11.34
N LEU A 42 -14.70 4.51 10.03
CA LEU A 42 -15.03 5.80 9.45
C LEU A 42 -16.40 6.29 9.88
N THR A 43 -16.53 7.58 10.12
CA THR A 43 -17.81 8.17 10.49
C THR A 43 -18.32 8.93 9.28
N GLN A 44 -19.63 9.16 9.21
CA GLN A 44 -20.25 9.87 8.09
C GLN A 44 -19.75 9.29 6.78
N ALA A 45 -19.62 7.97 6.77
CA ALA A 45 -19.11 7.25 5.62
C ALA A 45 -20.07 7.14 4.44
N GLN A 46 -19.48 6.96 3.26
CA GLN A 46 -20.20 6.76 2.02
C GLN A 46 -19.32 5.81 1.21
N THR A 47 -19.92 4.72 0.74
CA THR A 47 -19.24 3.70 -0.03
C THR A 47 -19.70 3.61 -1.49
N PHE A 48 -18.76 3.32 -2.38
CA PHE A 48 -19.06 3.14 -3.80
C PHE A 48 -18.34 1.86 -4.22
N ASP A 49 -19.06 0.89 -4.78
CA ASP A 49 -18.41 -0.33 -5.25
C ASP A 49 -17.57 0.14 -6.44
N TYR A 50 -16.41 -0.45 -6.66
CA TYR A 50 -15.60 -0.05 -7.80
C TYR A 50 -16.41 -0.14 -9.10
N SER A 51 -17.30 -1.14 -9.18
CA SER A 51 -18.12 -1.35 -10.37
C SER A 51 -19.02 -0.17 -10.74
N GLU A 52 -19.39 0.67 -9.77
CA GLU A 52 -20.25 1.81 -10.07
C GLU A 52 -19.49 3.07 -10.51
N ILE A 53 -18.15 3.05 -10.35
CA ILE A 53 -17.34 4.20 -10.73
C ILE A 53 -16.79 4.13 -12.16
N PRO A 54 -17.14 5.11 -13.00
CA PRO A 54 -16.67 5.14 -14.39
C PRO A 54 -15.14 5.01 -14.48
N ASN A 55 -14.67 4.20 -15.42
CA ASN A 55 -13.23 3.97 -15.65
C ASN A 55 -12.46 3.15 -14.61
N PHE A 56 -13.07 2.84 -13.46
CA PHE A 56 -12.34 2.06 -12.45
C PHE A 56 -12.04 0.62 -12.87
N PRO A 57 -10.84 0.12 -12.54
CA PRO A 57 -10.50 -1.26 -12.91
C PRO A 57 -11.47 -2.21 -12.22
N GLU A 58 -11.68 -3.39 -12.81
CA GLU A 58 -12.60 -4.37 -12.25
C GLU A 58 -11.98 -5.12 -11.08
N SER A 59 -12.73 -5.24 -10.00
CA SER A 59 -12.25 -5.95 -8.81
C SER A 59 -12.33 -7.47 -9.02
N GLY A 66 -14.43 -5.13 -3.74
CA GLY A 66 -13.83 -3.92 -4.27
C GLY A 66 -14.68 -2.70 -3.97
N ARG A 67 -14.34 -1.99 -2.91
CA ARG A 67 -15.09 -0.81 -2.51
C ARG A 67 -14.21 0.39 -2.19
N LEU A 68 -14.71 1.57 -2.53
CA LEU A 68 -14.03 2.84 -2.24
C LEU A 68 -14.91 3.48 -1.15
N VAL A 69 -14.32 3.78 0.00
CA VAL A 69 -15.07 4.37 1.11
C VAL A 69 -14.54 5.73 1.58
N PHE A 70 -15.41 6.73 1.61
CA PHE A 70 -15.07 8.08 2.07
C PHE A 70 -15.57 8.23 3.51
N GLY A 71 -14.94 9.11 4.29
CA GLY A 71 -15.38 9.31 5.67
C GLY A 71 -14.39 10.06 6.54
N ILE A 72 -14.71 10.18 7.83
CA ILE A 72 -13.85 10.86 8.79
C ILE A 72 -13.20 9.84 9.72
N LEU A 73 -11.88 9.92 9.86
CA LEU A 73 -11.17 8.99 10.73
C LEU A 73 -10.33 9.77 11.74
N ASN A 74 -10.72 9.68 13.01
CA ASN A 74 -10.02 10.38 14.07
C ASN A 74 -9.74 11.83 13.65
N GLY A 75 -10.80 12.51 13.21
CA GLY A 75 -10.67 13.91 12.82
C GLY A 75 -10.21 14.25 11.42
N ARG A 76 -9.71 13.27 10.66
CA ARG A 76 -9.22 13.54 9.32
C ARG A 76 -10.14 13.00 8.23
N ALA A 77 -10.34 13.78 7.17
CA ALA A 77 -11.17 13.36 6.05
C ALA A 77 -10.35 12.38 5.20
N CYS A 78 -10.84 11.16 5.06
CA CYS A 78 -10.13 10.11 4.32
C CYS A 78 -10.96 9.43 3.23
N VAL A 79 -10.27 8.73 2.34
CA VAL A 79 -10.88 7.95 1.28
C VAL A 79 -10.04 6.68 1.29
N MET A 80 -10.68 5.52 1.43
CA MET A 80 -9.95 4.27 1.50
C MET A 80 -10.33 3.23 0.46
N MET A 81 -9.31 2.53 -0.04
CA MET A 81 -9.52 1.46 -1.00
C MET A 81 -9.62 0.16 -0.22
N GLN A 82 -10.81 -0.42 -0.18
CA GLN A 82 -10.99 -1.69 0.52
C GLN A 82 -10.77 -2.73 -0.58
N GLY A 83 -9.52 -3.14 -0.72
CA GLY A 83 -9.15 -4.09 -1.75
C GLY A 83 -8.35 -3.34 -2.80
N ARG A 84 -7.26 -3.92 -3.28
CA ARG A 84 -6.43 -3.26 -4.28
C ARG A 84 -6.26 -4.17 -5.50
N PHE A 85 -5.52 -3.69 -6.49
CA PHE A 85 -5.27 -4.47 -7.70
C PHE A 85 -3.84 -5.01 -7.73
N HIS A 86 -3.61 -6.10 -8.46
CA HIS A 86 -2.28 -6.71 -8.54
C HIS A 86 -1.83 -7.08 -9.95
N MET A 87 -0.52 -7.03 -10.16
CA MET A 87 0.06 -7.40 -11.44
C MET A 87 -0.26 -8.87 -11.75
N TYR A 88 -0.24 -9.73 -10.72
CA TYR A 88 -0.50 -11.15 -10.97
C TYR A 88 -1.92 -11.45 -11.44
N GLU A 89 -2.79 -10.45 -11.40
CA GLU A 89 -4.17 -10.64 -11.87
C GLU A 89 -4.21 -10.44 -13.37
N GLY A 90 -3.10 -9.97 -13.93
CA GLY A 90 -3.01 -9.72 -15.35
C GLY A 90 -3.10 -8.25 -15.72
N TYR A 91 -3.30 -7.40 -14.70
CA TYR A 91 -3.41 -5.96 -14.93
C TYR A 91 -2.04 -5.29 -15.12
N PRO A 92 -1.94 -4.40 -16.12
CA PRO A 92 -0.69 -3.68 -16.37
C PRO A 92 -0.62 -2.66 -15.22
N PHE A 93 0.56 -2.12 -14.91
CA PHE A 93 0.66 -1.19 -13.80
C PHE A 93 -0.13 0.11 -13.98
N TRP A 94 -0.40 0.53 -15.22
CA TRP A 94 -1.16 1.75 -15.42
C TRP A 94 -2.61 1.57 -14.97
N LYS A 95 -3.05 0.32 -14.84
CA LYS A 95 -4.41 0.05 -14.37
C LYS A 95 -4.36 -0.08 -12.85
N VAL A 96 -3.35 -0.80 -12.36
CA VAL A 96 -3.17 -1.01 -10.94
C VAL A 96 -3.12 0.31 -10.15
N THR A 97 -2.50 1.32 -10.75
CA THR A 97 -2.32 2.62 -10.10
C THR A 97 -3.25 3.75 -10.53
N PHE A 98 -4.28 3.42 -11.33
CA PHE A 98 -5.23 4.44 -11.79
C PHE A 98 -5.83 5.27 -10.65
N PRO A 99 -6.23 4.63 -9.55
CA PRO A 99 -6.82 5.36 -8.42
C PRO A 99 -5.91 6.43 -7.80
N VAL A 100 -4.61 6.17 -7.74
CA VAL A 100 -3.69 7.14 -7.14
C VAL A 100 -3.78 8.51 -7.83
N ARG A 101 -3.82 8.50 -9.16
CA ARG A 101 -3.92 9.76 -9.88
C ARG A 101 -5.29 10.41 -9.71
N VAL A 102 -6.33 9.59 -9.58
CA VAL A 102 -7.67 10.15 -9.36
C VAL A 102 -7.70 10.84 -8.00
N PHE A 103 -7.07 10.23 -7.00
CA PHE A 103 -7.01 10.80 -5.66
C PHE A 103 -6.36 12.18 -5.67
N ARG A 104 -5.28 12.31 -6.43
CA ARG A 104 -4.57 13.58 -6.56
C ARG A 104 -5.51 14.65 -7.10
N LEU A 105 -6.29 14.29 -8.11
CA LEU A 105 -7.24 15.21 -8.73
C LEU A 105 -8.41 15.54 -7.80
N LEU A 106 -8.60 14.72 -6.77
CA LEU A 106 -9.67 14.94 -5.80
C LEU A 106 -9.22 15.94 -4.73
N GLY A 107 -7.90 16.13 -4.61
CA GLY A 107 -7.37 17.06 -3.63
C GLY A 107 -6.60 16.39 -2.50
N VAL A 108 -6.41 15.08 -2.62
CA VAL A 108 -5.67 14.32 -1.61
C VAL A 108 -4.20 14.76 -1.58
N GLU A 109 -3.60 14.82 -0.39
CA GLU A 109 -2.21 15.25 -0.25
C GLU A 109 -1.28 14.18 0.27
N THR A 110 -1.82 13.24 1.04
CA THR A 110 -1.04 12.16 1.63
C THR A 110 -1.61 10.78 1.31
N LEU A 111 -0.71 9.81 1.07
CA LEU A 111 -1.11 8.45 0.76
C LEU A 111 -0.49 7.44 1.72
N VAL A 112 -1.34 6.63 2.32
CA VAL A 112 -0.90 5.59 3.24
C VAL A 112 -1.14 4.26 2.55
N VAL A 113 -0.10 3.43 2.45
CA VAL A 113 -0.19 2.13 1.82
C VAL A 113 0.13 1.02 2.81
N THR A 114 -0.65 -0.04 2.79
CA THR A 114 -0.45 -1.17 3.69
C THR A 114 -0.49 -2.46 2.89
N ASN A 115 0.18 -3.49 3.40
CA ASN A 115 0.19 -4.78 2.71
C ASN A 115 0.55 -5.92 3.64
N ALA A 116 0.32 -7.13 3.16
CA ALA A 116 0.65 -8.35 3.90
C ALA A 116 1.93 -8.83 3.24
N ALA A 117 2.93 -9.19 4.03
CA ALA A 117 4.20 -9.63 3.46
C ALA A 117 4.86 -10.78 4.20
N GLY A 118 5.82 -11.41 3.54
CA GLY A 118 6.56 -12.51 4.14
C GLY A 118 7.84 -11.95 4.73
N GLY A 119 8.20 -12.40 5.93
CA GLY A 119 9.40 -11.88 6.58
C GLY A 119 10.71 -12.52 6.16
N LEU A 120 11.66 -11.68 5.75
CA LEU A 120 12.98 -12.13 5.35
C LEU A 120 13.99 -11.91 6.48
N ASN A 121 13.84 -10.81 7.21
CA ASN A 121 14.72 -10.50 8.32
C ASN A 121 14.47 -11.54 9.43
N PRO A 122 15.51 -12.28 9.83
CA PRO A 122 15.44 -13.33 10.87
C PRO A 122 14.87 -12.86 12.22
N ASN A 123 15.08 -11.59 12.53
CA ASN A 123 14.60 -11.01 13.79
C ASN A 123 13.10 -10.76 13.81
N PHE A 124 12.45 -10.84 12.65
CA PHE A 124 11.01 -10.62 12.55
C PHE A 124 10.23 -11.83 13.05
N GLU A 125 9.00 -11.60 13.48
CA GLU A 125 8.14 -12.68 13.96
C GLU A 125 6.74 -12.42 13.41
N VAL A 126 5.96 -13.47 13.20
CA VAL A 126 4.60 -13.31 12.68
C VAL A 126 3.83 -12.31 13.53
N GLY A 127 3.13 -11.39 12.87
CA GLY A 127 2.38 -10.39 13.60
C GLY A 127 3.08 -9.04 13.68
N ASP A 128 4.39 -9.04 13.52
CA ASP A 128 5.17 -7.80 13.55
C ASP A 128 4.67 -6.81 12.52
N ILE A 129 4.84 -5.52 12.84
CA ILE A 129 4.46 -4.45 11.93
C ILE A 129 5.78 -3.81 11.51
N MET A 130 6.06 -3.79 10.21
CA MET A 130 7.30 -3.22 9.72
C MET A 130 7.06 -1.95 8.92
N LEU A 131 7.48 -0.82 9.46
CA LEU A 131 7.33 0.44 8.75
C LEU A 131 8.21 0.29 7.52
N ILE A 132 7.77 0.83 6.39
CA ILE A 132 8.56 0.73 5.18
C ILE A 132 9.46 1.96 5.03
N ARG A 133 10.76 1.73 5.11
CA ARG A 133 11.73 2.82 5.00
C ARG A 133 12.24 3.00 3.57
N ASP A 134 12.17 1.94 2.78
CA ASP A 134 12.67 1.98 1.41
C ASP A 134 12.20 0.73 0.65
N HIS A 135 12.38 0.70 -0.67
CA HIS A 135 11.96 -0.49 -1.42
C HIS A 135 12.90 -0.89 -2.55
N ILE A 136 12.65 -2.09 -3.09
CA ILE A 136 13.41 -2.64 -4.22
C ILE A 136 12.33 -3.04 -5.23
N ASN A 137 12.33 -2.41 -6.39
CA ASN A 137 11.33 -2.68 -7.42
C ASN A 137 11.88 -3.62 -8.50
N LEU A 138 11.80 -4.92 -8.28
CA LEU A 138 12.32 -5.88 -9.26
C LEU A 138 11.67 -5.79 -10.65
N PRO A 139 10.33 -5.66 -10.72
CA PRO A 139 9.70 -5.57 -12.04
C PRO A 139 10.24 -4.35 -12.79
N GLY A 140 10.51 -3.29 -12.03
CA GLY A 140 11.04 -2.07 -12.64
C GLY A 140 12.41 -2.24 -13.29
N PHE A 141 13.19 -3.18 -12.78
CA PHE A 141 14.51 -3.42 -13.35
C PHE A 141 14.36 -3.80 -14.83
N SER A 142 13.28 -4.50 -15.16
CA SER A 142 13.04 -4.92 -16.54
C SER A 142 12.13 -4.00 -17.36
N GLY A 143 11.70 -2.89 -16.77
CA GLY A 143 10.86 -1.97 -17.53
C GLY A 143 9.38 -1.93 -17.18
N GLU A 144 8.91 -2.91 -16.40
CA GLU A 144 7.50 -2.93 -15.98
C GLU A 144 7.36 -1.82 -14.95
N ASN A 145 6.91 -0.67 -15.41
CA ASN A 145 6.80 0.52 -14.57
C ASN A 145 5.53 1.30 -14.94
N PRO A 146 4.76 1.75 -13.95
CA PRO A 146 3.54 2.51 -14.25
C PRO A 146 3.82 3.79 -15.03
N LEU A 147 5.06 4.26 -14.98
CA LEU A 147 5.44 5.49 -15.69
C LEU A 147 5.95 5.25 -17.12
N ARG A 148 6.04 3.98 -17.52
CA ARG A 148 6.52 3.67 -18.88
C ARG A 148 5.57 4.26 -19.91
N GLY A 149 6.14 4.96 -20.90
CA GLY A 149 5.36 5.59 -21.93
C GLY A 149 5.57 7.09 -21.91
N PRO A 150 4.93 7.86 -22.82
CA PRO A 150 5.09 9.32 -22.86
C PRO A 150 4.78 9.91 -21.49
N ASN A 151 5.55 10.91 -21.07
CA ASN A 151 5.31 11.52 -19.77
C ASN A 151 4.22 12.60 -19.81
N GLU A 152 3.38 12.63 -18.79
CA GLU A 152 2.31 13.63 -18.72
C GLU A 152 2.72 14.67 -17.68
N GLU A 153 3.29 15.78 -18.14
CA GLU A 153 3.74 16.82 -17.23
C GLU A 153 2.68 17.37 -16.28
N ARG A 154 1.41 17.29 -16.66
CA ARG A 154 0.37 17.80 -15.78
C ARG A 154 0.36 17.03 -14.46
N PHE A 155 0.99 15.85 -14.46
CA PHE A 155 1.09 15.01 -13.27
C PHE A 155 2.48 15.15 -12.61
N GLY A 156 3.53 15.05 -13.42
CA GLY A 156 4.88 15.15 -12.87
C GLY A 156 5.99 15.17 -13.91
N VAL A 157 7.23 15.00 -13.43
CA VAL A 157 8.41 15.04 -14.28
C VAL A 157 8.79 13.71 -14.96
N ARG A 158 9.57 13.81 -16.04
CA ARG A 158 10.00 12.62 -16.78
C ARG A 158 10.83 11.67 -15.93
N PHE A 159 11.78 12.22 -15.16
CA PHE A 159 12.66 11.38 -14.33
C PHE A 159 12.53 11.69 -12.84
N PRO A 160 11.49 11.16 -12.19
CA PRO A 160 11.27 11.38 -10.76
C PRO A 160 12.24 10.66 -9.82
N ALA A 161 12.66 11.34 -8.77
CA ALA A 161 13.56 10.77 -7.78
C ALA A 161 12.72 9.87 -6.89
N MET A 162 13.33 8.83 -6.36
CA MET A 162 12.61 7.87 -5.53
C MET A 162 13.35 7.56 -4.24
N SER A 163 14.53 8.14 -4.06
CA SER A 163 15.32 7.89 -2.86
C SER A 163 14.70 8.48 -1.59
N ASP A 164 13.77 9.41 -1.75
CA ASP A 164 13.09 10.05 -0.62
C ASP A 164 11.58 9.80 -0.68
N ALA A 165 11.19 8.66 -1.24
CA ALA A 165 9.80 8.28 -1.41
C ALA A 165 8.97 8.19 -0.12
N TYR A 166 9.52 7.55 0.89
CA TYR A 166 8.83 7.38 2.16
C TYR A 166 9.17 8.51 3.13
N ASP A 167 8.26 9.49 3.21
CA ASP A 167 8.42 10.66 4.06
C ASP A 167 9.07 10.40 5.42
N ARG A 168 10.20 11.06 5.66
CA ARG A 168 10.93 10.90 6.92
C ARG A 168 10.15 11.38 8.14
N ASP A 169 9.48 12.52 8.03
CA ASP A 169 8.70 13.06 9.14
C ASP A 169 7.68 12.02 9.61
N MET A 170 6.84 11.58 8.69
CA MET A 170 5.81 10.57 8.99
C MET A 170 6.37 9.38 9.76
N ARG A 171 7.58 8.96 9.42
CA ARG A 171 8.22 7.83 10.08
C ARG A 171 8.59 8.17 11.52
N GLN A 172 8.98 9.42 11.74
CA GLN A 172 9.33 9.86 13.09
C GLN A 172 8.03 9.87 13.88
N LYS A 173 7.01 10.53 13.34
CA LYS A 173 5.71 10.59 14.01
C LYS A 173 5.22 9.17 14.27
N ALA A 174 5.32 8.32 13.25
CA ALA A 174 4.89 6.92 13.37
C ALA A 174 5.53 6.28 14.60
N HIS A 175 6.84 6.45 14.75
CA HIS A 175 7.54 5.89 15.90
C HIS A 175 7.05 6.55 17.19
N SER A 176 6.79 7.86 17.14
CA SER A 176 6.31 8.59 18.32
C SER A 176 4.95 8.02 18.74
N THR A 177 4.02 7.93 17.79
CA THR A 177 2.69 7.41 18.03
C THR A 177 2.70 5.99 18.61
N TRP A 178 3.56 5.14 18.07
CA TRP A 178 3.65 3.76 18.55
C TRP A 178 4.12 3.75 19.99
N LYS A 179 4.88 4.77 20.37
CA LYS A 179 5.37 4.89 21.74
C LYS A 179 4.20 5.14 22.69
N GLN A 180 3.35 6.09 22.31
CA GLN A 180 2.18 6.45 23.11
C GLN A 180 1.20 5.28 23.22
N MET A 181 1.29 4.34 22.30
CA MET A 181 0.41 3.17 22.29
C MET A 181 0.78 2.16 23.37
N GLY A 182 2.03 2.21 23.83
CA GLY A 182 2.47 1.29 24.86
C GLY A 182 2.41 -0.18 24.46
N GLU A 183 3.07 -0.51 23.35
CA GLU A 183 3.12 -1.88 22.85
C GLU A 183 4.38 -2.56 23.37
N GLN A 184 4.28 -3.85 23.68
CA GLN A 184 5.42 -4.60 24.18
C GLN A 184 6.46 -4.84 23.09
N ARG A 185 6.02 -5.36 21.95
CA ARG A 185 6.93 -5.63 20.84
C ARG A 185 7.25 -4.32 20.13
N GLU A 186 8.52 -4.14 19.79
CA GLU A 186 8.94 -2.92 19.09
C GLU A 186 8.38 -2.87 17.68
N LEU A 187 8.28 -1.66 17.15
CA LEU A 187 7.80 -1.43 15.80
C LEU A 187 8.99 -1.64 14.87
N GLN A 188 8.88 -2.60 13.95
CA GLN A 188 9.97 -2.89 13.02
C GLN A 188 10.09 -1.85 11.91
N GLU A 189 11.21 -1.89 11.18
CA GLU A 189 11.45 -0.95 10.10
C GLU A 189 12.45 -1.58 9.15
N GLY A 190 12.16 -1.56 7.85
CA GLY A 190 13.07 -2.17 6.89
C GLY A 190 12.72 -1.94 5.43
N THR A 191 13.35 -2.72 4.56
CA THR A 191 13.15 -2.59 3.12
C THR A 191 12.17 -3.63 2.57
N TYR A 192 11.24 -3.16 1.75
CA TYR A 192 10.24 -4.04 1.15
C TYR A 192 10.58 -4.30 -0.32
N VAL A 193 10.62 -5.57 -0.70
CA VAL A 193 10.91 -5.92 -2.08
C VAL A 193 9.65 -6.47 -2.75
N MET A 194 9.36 -5.98 -3.95
CA MET A 194 8.18 -6.45 -4.65
C MET A 194 8.54 -7.32 -5.84
N LEU A 195 7.85 -8.46 -5.95
CA LEU A 195 8.02 -9.34 -7.10
C LEU A 195 6.60 -9.66 -7.62
N GLY A 196 6.54 -10.13 -8.85
CA GLY A 196 5.26 -10.42 -9.49
C GLY A 196 4.25 -11.40 -8.89
N GLY A 197 4.71 -12.58 -8.47
CA GLY A 197 3.79 -13.57 -7.94
C GLY A 197 3.12 -14.28 -9.12
N PRO A 198 2.04 -15.05 -8.90
CA PRO A 198 1.33 -15.31 -7.65
C PRO A 198 1.86 -16.44 -6.76
N ASN A 199 2.87 -17.18 -7.21
CA ASN A 199 3.41 -18.26 -6.39
C ASN A 199 4.32 -17.74 -5.28
N PHE A 200 4.49 -18.54 -4.24
CA PHE A 200 5.38 -18.18 -3.14
C PHE A 200 6.80 -18.56 -3.54
N GLU A 201 7.77 -17.86 -2.98
CA GLU A 201 9.18 -18.07 -3.28
C GLU A 201 9.78 -19.41 -2.85
N THR A 202 10.80 -19.85 -3.58
CA THR A 202 11.53 -21.07 -3.27
C THR A 202 12.59 -20.69 -2.24
N VAL A 203 13.25 -21.67 -1.67
CA VAL A 203 14.30 -21.41 -0.68
C VAL A 203 15.45 -20.61 -1.28
N ALA A 204 15.83 -20.96 -2.51
CA ALA A 204 16.92 -20.26 -3.18
C ALA A 204 16.57 -18.78 -3.38
N GLU A 205 15.32 -18.52 -3.76
CA GLU A 205 14.88 -17.16 -3.99
C GLU A 205 14.83 -16.36 -2.68
N CYS A 206 14.40 -17.00 -1.60
CA CYS A 206 14.33 -16.30 -0.32
C CYS A 206 15.72 -15.88 0.15
N ARG A 207 16.70 -16.78 0.03
CA ARG A 207 18.07 -16.47 0.46
C ARG A 207 18.62 -15.31 -0.35
N LEU A 208 18.42 -15.39 -1.66
CA LEU A 208 18.86 -14.38 -2.60
C LEU A 208 18.32 -12.99 -2.24
N LEU A 209 17.00 -12.91 -2.06
CA LEU A 209 16.35 -11.66 -1.71
C LEU A 209 16.90 -11.06 -0.44
N ARG A 210 17.10 -11.90 0.58
CA ARG A 210 17.64 -11.42 1.84
C ARG A 210 19.03 -10.83 1.61
N ASN A 211 19.85 -11.51 0.80
CA ASN A 211 21.18 -11.02 0.49
C ASN A 211 21.17 -9.73 -0.31
N LEU A 212 20.03 -9.40 -0.92
CA LEU A 212 19.92 -8.16 -1.69
C LEU A 212 19.62 -7.02 -0.73
N GLY A 213 19.40 -7.35 0.54
CA GLY A 213 19.13 -6.33 1.54
C GLY A 213 17.65 -6.09 1.84
N ALA A 214 16.78 -7.01 1.45
CA ALA A 214 15.35 -6.83 1.71
C ALA A 214 14.98 -7.43 3.06
N ASP A 215 14.01 -6.81 3.73
CA ASP A 215 13.55 -7.30 5.02
C ASP A 215 12.20 -8.01 4.94
N ALA A 216 11.40 -7.64 3.93
CA ALA A 216 10.08 -8.24 3.72
C ALA A 216 9.80 -8.37 2.20
N VAL A 217 9.03 -9.39 1.82
CA VAL A 217 8.70 -9.64 0.41
C VAL A 217 7.18 -9.66 0.16
N GLY A 218 6.74 -8.95 -0.88
CA GLY A 218 5.32 -8.89 -1.22
C GLY A 218 5.02 -8.76 -2.71
N MET A 219 3.75 -8.63 -3.07
CA MET A 219 3.35 -8.55 -4.47
C MET A 219 2.61 -7.27 -4.90
N SER A 220 2.77 -6.19 -4.14
CA SER A 220 2.07 -4.94 -4.47
C SER A 220 2.82 -3.71 -3.97
N THR A 221 2.06 -2.63 -3.76
CA THR A 221 2.60 -1.40 -3.18
C THR A 221 3.59 -0.51 -3.94
N VAL A 222 4.73 -1.06 -4.30
CA VAL A 222 5.76 -0.30 -5.02
C VAL A 222 5.25 0.53 -6.20
N PRO A 223 4.41 -0.04 -7.08
CA PRO A 223 3.94 0.78 -8.20
C PRO A 223 3.08 1.96 -7.75
N GLU A 224 2.29 1.77 -6.71
CA GLU A 224 1.43 2.84 -6.20
C GLU A 224 2.31 3.97 -5.65
N VAL A 225 3.34 3.60 -4.89
CA VAL A 225 4.27 4.58 -4.33
C VAL A 225 4.93 5.42 -5.43
N ILE A 226 5.43 4.75 -6.46
CA ILE A 226 6.08 5.45 -7.55
C ILE A 226 5.15 6.47 -8.20
N VAL A 227 3.91 6.08 -8.45
CA VAL A 227 2.96 7.00 -9.07
C VAL A 227 2.59 8.13 -8.12
N ALA A 228 2.46 7.83 -6.83
CA ALA A 228 2.12 8.84 -5.84
C ALA A 228 3.25 9.87 -5.74
N ARG A 229 4.49 9.40 -5.75
CA ARG A 229 5.62 10.32 -5.68
C ARG A 229 5.67 11.17 -6.93
N HIS A 230 5.43 10.56 -8.09
CA HIS A 230 5.45 11.29 -9.35
C HIS A 230 4.47 12.47 -9.39
N CYS A 231 3.25 12.28 -8.89
CA CYS A 231 2.27 13.36 -8.90
C CYS A 231 2.30 14.27 -7.67
N GLY A 232 3.29 14.06 -6.80
CA GLY A 232 3.43 14.93 -5.64
C GLY A 232 2.87 14.57 -4.26
N LEU A 233 2.38 13.36 -4.10
CA LEU A 233 1.82 12.94 -2.81
C LEU A 233 2.87 12.57 -1.76
N ARG A 234 2.56 12.85 -0.50
CA ARG A 234 3.42 12.49 0.62
C ARG A 234 3.09 11.01 0.85
N VAL A 235 4.10 10.19 1.13
CA VAL A 235 3.85 8.75 1.31
C VAL A 235 4.33 8.12 2.60
N PHE A 236 3.47 7.30 3.19
CA PHE A 236 3.77 6.55 4.39
C PHE A 236 3.21 5.15 4.17
N GLY A 237 3.82 4.15 4.80
CA GLY A 237 3.33 2.79 4.63
C GLY A 237 3.98 1.75 5.53
N PHE A 238 3.38 0.56 5.57
CA PHE A 238 3.91 -0.52 6.39
C PHE A 238 3.39 -1.89 5.96
N SER A 239 4.09 -2.93 6.39
CA SER A 239 3.75 -4.30 6.07
C SER A 239 3.43 -5.08 7.33
N LEU A 240 2.42 -5.94 7.23
CA LEU A 240 2.06 -6.80 8.34
C LEU A 240 2.80 -8.08 7.98
N ILE A 241 3.69 -8.53 8.86
CA ILE A 241 4.45 -9.75 8.63
C ILE A 241 3.50 -10.92 8.90
N THR A 242 3.03 -11.56 7.84
CA THR A 242 2.10 -12.69 7.97
C THR A 242 2.72 -14.07 8.07
N ASN A 243 4.02 -14.16 7.79
CA ASN A 243 4.71 -15.45 7.87
C ASN A 243 6.22 -15.29 7.70
N LYS A 244 6.96 -16.19 8.31
CA LYS A 244 8.42 -16.18 8.20
C LYS A 244 8.74 -17.14 7.04
N VAL A 245 9.27 -16.59 5.95
CA VAL A 245 9.59 -17.40 4.77
C VAL A 245 10.61 -18.50 5.06
N ILE A 246 10.45 -19.63 4.39
CA ILE A 246 11.35 -20.77 4.57
C ILE A 246 12.74 -20.44 4.00
N MET A 247 13.75 -20.46 4.87
CA MET A 247 15.12 -20.16 4.46
C MET A 247 16.04 -21.37 4.31
N ASP A 248 15.56 -22.56 4.60
CA ASP A 248 16.40 -23.75 4.48
C ASP A 248 15.63 -24.97 3.97
N TYR A 249 16.37 -25.97 3.52
CA TYR A 249 15.77 -27.18 2.97
C TYR A 249 15.32 -28.16 4.05
N GLU A 250 15.14 -27.62 5.25
CA GLU A 250 14.68 -28.40 6.41
C GLU A 250 13.32 -27.80 6.75
N SER A 251 12.59 -27.45 5.69
CA SER A 251 11.27 -26.85 5.78
C SER A 251 10.30 -27.68 6.61
N GLN A 252 9.99 -27.19 7.81
CA GLN A 252 9.05 -27.89 8.68
C GLN A 252 7.66 -27.73 8.06
N GLY A 253 7.53 -26.70 7.23
CA GLY A 253 6.26 -26.42 6.56
C GLY A 253 6.49 -25.59 5.32
N LYS A 254 5.41 -25.06 4.75
CA LYS A 254 5.52 -24.24 3.55
C LYS A 254 4.42 -23.18 3.50
N ALA A 255 4.77 -21.99 3.00
CA ALA A 255 3.85 -20.87 2.90
C ALA A 255 2.48 -21.25 2.33
N ASN A 256 1.43 -20.65 2.90
CA ASN A 256 0.07 -20.90 2.47
C ASN A 256 -0.79 -19.66 2.76
N HIS A 257 -1.69 -19.35 1.84
CA HIS A 257 -2.54 -18.17 1.98
C HIS A 257 -3.47 -18.20 3.19
N GLU A 258 -3.80 -19.40 3.66
CA GLU A 258 -4.67 -19.56 4.83
C GLU A 258 -4.08 -18.84 6.04
N GLU A 259 -2.87 -19.24 6.41
CA GLU A 259 -2.16 -18.65 7.54
C GLU A 259 -1.96 -17.15 7.37
N VAL A 260 -1.83 -16.69 6.13
CA VAL A 260 -1.64 -15.27 5.86
C VAL A 260 -2.90 -14.51 6.25
N LEU A 261 -4.04 -15.09 5.93
CA LEU A 261 -5.34 -14.49 6.26
C LEU A 261 -5.61 -14.62 7.75
N GLU A 262 -5.13 -15.71 8.34
CA GLU A 262 -5.31 -15.94 9.76
C GLU A 262 -4.56 -14.86 10.55
N ALA A 263 -3.29 -14.67 10.19
CA ALA A 263 -2.46 -13.66 10.84
C ALA A 263 -3.09 -12.28 10.65
N GLY A 264 -3.74 -12.09 9.50
CA GLY A 264 -4.39 -10.83 9.21
C GLY A 264 -5.49 -10.51 10.21
N LYS A 265 -6.15 -11.55 10.71
CA LYS A 265 -7.22 -11.37 11.66
C LYS A 265 -6.72 -11.06 13.06
N GLN A 266 -5.76 -11.85 13.53
CA GLN A 266 -5.19 -11.67 14.87
C GLN A 266 -4.66 -10.27 15.13
N ALA A 267 -4.10 -9.64 14.11
CA ALA A 267 -3.54 -8.30 14.26
C ALA A 267 -4.43 -7.18 13.73
N ALA A 268 -5.69 -7.50 13.44
CA ALA A 268 -6.63 -6.51 12.91
C ALA A 268 -6.81 -5.33 13.87
N GLN A 269 -7.35 -5.60 15.04
CA GLN A 269 -7.58 -4.57 16.04
C GLN A 269 -6.35 -3.70 16.24
N LYS A 270 -5.18 -4.33 16.28
CA LYS A 270 -3.91 -3.64 16.47
C LYS A 270 -3.58 -2.69 15.31
N LEU A 271 -3.54 -3.23 14.11
CA LEU A 271 -3.23 -2.44 12.91
C LEU A 271 -4.22 -1.28 12.74
N GLU A 272 -5.51 -1.59 12.89
CA GLU A 272 -6.57 -0.60 12.74
C GLU A 272 -6.40 0.52 13.76
N GLN A 273 -6.03 0.14 14.98
CA GLN A 273 -5.83 1.09 16.07
C GLN A 273 -4.68 2.06 15.74
N PHE A 274 -3.57 1.49 15.28
CA PHE A 274 -2.38 2.27 14.93
C PHE A 274 -2.64 3.32 13.84
N VAL A 275 -3.27 2.88 12.76
CA VAL A 275 -3.56 3.80 11.66
C VAL A 275 -4.49 4.92 12.11
N SER A 276 -5.46 4.58 12.95
CA SER A 276 -6.41 5.56 13.44
C SER A 276 -5.71 6.71 14.17
N LEU A 277 -4.71 6.37 14.97
CA LEU A 277 -3.97 7.37 15.73
C LEU A 277 -3.06 8.22 14.84
N LEU A 278 -2.39 7.58 13.88
CA LEU A 278 -1.50 8.28 12.97
C LEU A 278 -2.16 9.41 12.22
N MET A 279 -3.48 9.34 12.04
CA MET A 279 -4.19 10.40 11.35
C MET A 279 -3.92 11.74 12.04
N ALA A 280 -4.03 11.72 13.37
CA ALA A 280 -3.81 12.92 14.18
C ALA A 280 -2.57 13.70 13.74
N SER A 281 -1.48 12.99 13.48
CA SER A 281 -0.24 13.63 13.06
C SER A 281 0.01 13.48 11.57
N ILE A 282 -0.49 14.44 10.78
CA ILE A 282 -0.32 14.42 9.33
C ILE A 282 -0.11 15.84 8.82
MG MG B . -16.55 -0.33 -14.78
ZN ZN C . -25.55 9.69 -10.33
C1 144 D . -26.44 3.58 -6.88
N 144 D . -26.70 2.21 -6.21
C2 144 D . -26.30 1.15 -7.23
O2 144 D . -24.93 1.22 -7.67
C3 144 D . -28.18 2.04 -5.81
O3 144 D . -29.06 2.11 -6.99
C4 144 D . -25.83 2.01 -4.98
O4 144 D . -25.93 3.01 -3.97
O3 P1G E . -1.60 -7.05 0.92
P P1G E . -1.24 -7.38 -0.61
O4 P1G E . -2.30 -6.58 -1.52
O2 P1G E . 0.14 -6.98 -0.95
C1P P1G E . -1.50 -9.14 -0.86
C1 P1G E . -0.69 -9.68 -2.05
O3' P1G E . -1.08 -11.02 -2.40
O2' P1G E . 0.74 -9.79 -1.83
C2' P1G E . 1.04 -11.13 -1.40
C3' P1G E . -0.17 -11.97 -1.81
C4' P1G E . -0.72 -12.58 -0.53
C5' P1G E . -0.43 -14.09 -0.34
O5' P1G E . -0.96 -14.57 0.89
O4' P1G E . -0.19 -11.76 0.52
C1' P1G E . 1.12 -11.29 0.11
N9 P1G E . 2.14 -12.18 0.72
C8 P1G E . 2.03 -12.68 1.95
N7 P1G E . 3.04 -13.49 2.23
C5 P1G E . 3.83 -13.51 1.16
C4 P1G E . 3.27 -12.65 0.20
N3 P1G E . 3.91 -12.36 -0.97
C2 P1G E . 5.11 -12.86 -1.31
N2 P1G E . 5.79 -12.49 -2.39
N1 P1G E . 5.70 -13.74 -0.38
C6 P1G E . 5.06 -14.07 0.84
O6 P1G E . 5.65 -14.86 1.59
#